data_9QUJ
#
_entry.id   9QUJ
#
_cell.length_a   1.00
_cell.length_b   1.00
_cell.length_c   1.00
_cell.angle_alpha   90.00
_cell.angle_beta   90.00
_cell.angle_gamma   90.00
#
_symmetry.space_group_name_H-M   'P 1'
#
loop_
_entity.id
_entity.type
_entity.pdbx_description
1 polymer 'Plastid replication-repair enzyme'
2 polymer 'DNA primer strand'
3 polymer 'DNA template strand'
#
loop_
_entity_poly.entity_id
_entity_poly.type
_entity_poly.pdbx_seq_one_letter_code
_entity_poly.pdbx_strand_id
1 'polypeptide(L)'
;MGSSHHHHHHSQDPENLYFQGDEITKKYIKDNIINVDDNIIKKKDIFKLKNENNEITECAFEYFESKKKFDDDIESRFFI
INDNNYNENINLIYKDIKYCGLNIQTTGLEVFDENIRLIQIAVENYPVIIYDMFNINKKDILDGLRKVLENKNIIKIIQN
GKFDAKFLLHNNFKIENIFDTYIASKLLDKNKNMYGFKLNNIVEKYLNVILDKQQQNSVWNNSLLNNNQLFYAARDSSCL
LKLYKKLKEEIKKENLHIVNDIENKCILPICDMELNGIKVDLENLQKSTNEILNELNIEKDNLKKKLKDENINVNSQQQV
LKALQKNNVRDISNKLIENTSDSNLKNFLNHEEIISLRNYRRLYKLYSAFYLKLPLHINTKTNKIHTTFNQLKTFSGRFS
SEKPNLQQIPRQKNIREIFIPNDNNIFIIADFKQIELKIAAEITNDEIMLKAYNNNIDLHTLTASIITKKNIPDINKEDR
HIAKAINFGLIYGMNYVNLKNYANTYYGLNMSLDQCLYFYNSFFEHYKGIYKWHNQVKQKRALQYSTLSNRKVIFPYFSF
TKALNYPVQGTCADILKLALVDLYDNLKDINGKIILCVHDEIIIEVNKKFQEEALKILVQSMENSASYFLKKVKCEVSVK
IAENWGSKD
;
A
2 'polydeoxyribonucleotide'
;(DC)(DA)(DG)(DG)(DT)(DG)(DT)(DC)(DA)(DG)(DT)(DC)(DA)(DG)(DC)(DT)(DA)(DG)(DT)(DG)
(DC)(DT)(DG)(DA)(DC)
;
B
3 'polydeoxyribonucleotide'
;(DG)(DC)(DT)(DA)(DC)(DC)(DG)(DT)(DA)(DG)(DC)(DG)(DT)(DC)(DA)(DG)(DC)(DA)(DC)(DT)
(DA)(DG)(DC)(DT)(DG)(DA)(DC)(DT)(DG)(DA)(DC)(DA)(DC)(DC)(DT)(DG)
;
C
#
# COMPACT_ATOMS: atom_id res chain seq x y z
N ASP A 22 -12.62 -20.44 -43.20
CA ASP A 22 -14.07 -20.64 -43.51
C ASP A 22 -14.75 -19.28 -43.68
N GLU A 23 -15.62 -19.19 -44.70
CA GLU A 23 -16.33 -17.94 -44.96
C GLU A 23 -17.19 -17.54 -43.77
N ILE A 24 -17.68 -18.50 -43.01
CA ILE A 24 -18.43 -18.18 -41.80
C ILE A 24 -17.53 -17.49 -40.79
N THR A 25 -16.31 -18.00 -40.62
CA THR A 25 -15.47 -17.54 -39.51
C THR A 25 -14.85 -16.17 -39.77
N LYS A 26 -14.64 -15.80 -41.04
CA LYS A 26 -13.97 -14.55 -41.38
C LYS A 26 -14.96 -13.48 -41.83
N LYS A 27 -16.16 -13.48 -41.26
CA LYS A 27 -17.19 -12.54 -41.70
C LYS A 27 -16.82 -11.10 -41.37
N TYR A 28 -16.06 -10.89 -40.31
CA TYR A 28 -15.71 -9.56 -39.82
C TYR A 28 -14.21 -9.43 -39.62
N ILE A 29 -13.42 -10.04 -40.51
CA ILE A 29 -11.97 -9.97 -40.38
C ILE A 29 -11.48 -8.55 -40.58
N LYS A 30 -12.19 -7.74 -41.37
CA LYS A 30 -11.75 -6.39 -41.65
C LYS A 30 -11.60 -5.57 -40.38
N ASP A 31 -12.38 -5.88 -39.35
CA ASP A 31 -12.32 -5.20 -38.07
C ASP A 31 -11.60 -6.05 -37.02
N ASN A 32 -10.86 -7.07 -37.43
CA ASN A 32 -10.12 -7.92 -36.50
C ASN A 32 -11.07 -8.60 -35.52
N ILE A 33 -11.94 -9.44 -36.06
CA ILE A 33 -12.82 -10.28 -35.25
C ILE A 33 -12.86 -11.66 -35.88
N ILE A 34 -12.70 -12.70 -35.05
CA ILE A 34 -12.74 -14.09 -35.51
C ILE A 34 -13.92 -14.76 -34.82
N ASN A 35 -14.80 -15.34 -35.62
CA ASN A 35 -16.00 -15.96 -35.08
C ASN A 35 -15.68 -17.35 -34.56
N VAL A 36 -16.21 -17.67 -33.38
CA VAL A 36 -16.00 -18.97 -32.76
C VAL A 36 -17.25 -19.81 -32.90
N ASP A 37 -18.36 -19.30 -32.39
CA ASP A 37 -19.63 -20.02 -32.34
C ASP A 37 -20.77 -19.12 -32.80
N ASP A 38 -20.50 -18.32 -33.83
CA ASP A 38 -21.47 -17.33 -34.31
C ASP A 38 -21.72 -16.38 -33.14
N ASN A 39 -22.96 -16.13 -32.74
CA ASN A 39 -23.26 -15.28 -31.59
C ASN A 39 -22.66 -13.89 -31.77
N ILE A 40 -22.71 -13.38 -33.00
CA ILE A 40 -22.18 -12.06 -33.31
C ILE A 40 -22.91 -11.51 -34.52
N ILE A 41 -23.36 -10.27 -34.45
CA ILE A 41 -24.01 -9.62 -35.58
C ILE A 41 -23.53 -8.19 -35.67
N LYS A 42 -23.22 -7.74 -36.88
CA LYS A 42 -22.78 -6.38 -37.14
C LYS A 42 -24.01 -5.57 -37.55
N LYS A 43 -24.44 -4.68 -36.67
CA LYS A 43 -25.68 -3.94 -36.85
C LYS A 43 -25.38 -2.45 -36.85
N LYS A 44 -26.10 -1.72 -37.69
CA LYS A 44 -25.97 -0.27 -37.77
C LYS A 44 -27.31 0.36 -37.49
N ASP A 45 -27.31 1.38 -36.63
CA ASP A 45 -28.52 2.12 -36.28
C ASP A 45 -28.18 3.59 -36.18
N ILE A 46 -29.15 4.44 -36.49
CA ILE A 46 -28.94 5.87 -36.42
C ILE A 46 -28.99 6.32 -34.96
N PHE A 47 -27.99 7.05 -34.53
CA PHE A 47 -27.91 7.61 -33.19
C PHE A 47 -28.18 9.11 -33.22
N LYS A 48 -28.36 9.68 -32.03
CA LYS A 48 -28.63 11.11 -31.86
C LYS A 48 -27.60 11.66 -30.89
N LEU A 49 -26.70 12.50 -31.40
CA LEU A 49 -25.62 13.07 -30.62
C LEU A 49 -25.55 14.57 -30.85
N LYS A 50 -25.14 15.29 -29.81
CA LYS A 50 -24.99 16.73 -29.88
C LYS A 50 -23.67 17.08 -30.55
N ASN A 51 -23.68 18.19 -31.29
CA ASN A 51 -22.48 18.67 -31.97
C ASN A 51 -21.69 19.56 -31.03
N GLU A 52 -20.45 19.87 -31.43
CA GLU A 52 -19.63 20.80 -30.66
C GLU A 52 -20.29 22.17 -30.56
N ASN A 53 -21.15 22.51 -31.52
CA ASN A 53 -21.93 23.74 -31.48
C ASN A 53 -23.27 23.55 -30.77
N ASN A 54 -23.37 22.56 -29.87
CA ASN A 54 -24.57 22.34 -29.07
C ASN A 54 -25.79 22.11 -29.97
N GLU A 55 -25.60 21.40 -31.08
CA GLU A 55 -26.65 21.09 -32.02
C GLU A 55 -26.71 19.58 -32.22
N ILE A 56 -27.93 19.03 -32.14
CA ILE A 56 -28.10 17.60 -32.35
C ILE A 56 -27.72 17.27 -33.79
N THR A 57 -26.94 16.22 -33.97
CA THR A 57 -26.54 15.75 -35.28
C THR A 57 -26.81 14.24 -35.39
N GLU A 58 -27.32 13.82 -36.53
CA GLU A 58 -27.60 12.41 -36.80
C GLU A 58 -26.36 11.77 -37.40
N CYS A 59 -25.88 10.70 -36.77
CA CYS A 59 -24.70 9.98 -37.24
C CYS A 59 -24.96 8.49 -37.21
N ALA A 60 -24.42 7.79 -38.21
CA ALA A 60 -24.57 6.35 -38.34
C ALA A 60 -23.31 5.67 -37.84
N PHE A 61 -23.46 4.77 -36.87
CA PHE A 61 -22.35 4.07 -36.23
C PHE A 61 -22.46 2.58 -36.49
N GLU A 62 -21.33 1.91 -36.42
CA GLU A 62 -21.25 0.47 -36.53
C GLU A 62 -21.01 -0.11 -35.15
N TYR A 63 -21.92 -0.96 -34.70
CA TYR A 63 -21.78 -1.66 -33.43
C TYR A 63 -22.13 -3.12 -33.62
N PHE A 64 -21.45 -3.97 -32.85
CA PHE A 64 -21.66 -5.41 -32.88
C PHE A 64 -22.55 -5.82 -31.71
N GLU A 65 -23.14 -7.01 -31.83
CA GLU A 65 -24.10 -7.47 -30.83
C GLU A 65 -24.09 -8.98 -30.80
N SER A 66 -24.36 -9.54 -29.62
CA SER A 66 -24.47 -10.98 -29.49
C SER A 66 -25.77 -11.48 -30.10
N LYS A 67 -25.70 -12.55 -30.88
CA LYS A 67 -26.90 -13.08 -31.49
C LYS A 67 -27.80 -13.73 -30.45
N LYS A 68 -27.22 -14.25 -29.37
CA LYS A 68 -27.97 -14.83 -28.27
C LYS A 68 -27.99 -13.82 -27.12
N LYS A 69 -29.18 -13.37 -26.75
CA LYS A 69 -29.30 -12.32 -25.75
C LYS A 69 -28.87 -12.85 -24.39
N PHE A 70 -27.99 -12.12 -23.73
CA PHE A 70 -27.57 -12.49 -22.38
C PHE A 70 -28.76 -12.38 -21.42
N ASP A 71 -28.85 -13.33 -20.50
CA ASP A 71 -30.01 -13.39 -19.61
C ASP A 71 -30.11 -12.17 -18.70
N ASP A 72 -29.00 -11.47 -18.47
CA ASP A 72 -28.98 -10.33 -17.56
C ASP A 72 -29.30 -9.04 -18.34
N ASP A 73 -29.55 -7.98 -17.59
CA ASP A 73 -29.93 -6.70 -18.17
C ASP A 73 -28.74 -5.81 -18.51
N ILE A 74 -27.53 -6.21 -18.16
CA ILE A 74 -26.36 -5.41 -18.48
C ILE A 74 -26.14 -5.36 -19.98
N GLU A 75 -25.62 -4.25 -20.47
CA GLU A 75 -25.39 -4.07 -21.90
C GLU A 75 -24.31 -5.01 -22.38
N SER A 76 -24.41 -5.39 -23.66
CA SER A 76 -23.39 -6.17 -24.33
C SER A 76 -23.04 -5.61 -25.70
N ARG A 77 -23.64 -4.50 -26.11
CA ARG A 77 -23.24 -3.85 -27.34
C ARG A 77 -21.83 -3.30 -27.20
N PHE A 78 -21.10 -3.24 -28.30
CA PHE A 78 -19.79 -2.62 -28.25
C PHE A 78 -19.34 -2.19 -29.64
N PHE A 79 -18.81 -0.97 -29.73
CA PHE A 79 -18.09 -0.52 -30.90
C PHE A 79 -16.68 -1.10 -30.86
N ILE A 80 -16.02 -1.11 -32.02
CA ILE A 80 -14.60 -1.39 -32.11
C ILE A 80 -13.99 -0.35 -33.04
N ILE A 81 -12.91 0.27 -32.59
CA ILE A 81 -12.32 1.43 -33.25
C ILE A 81 -10.88 1.09 -33.56
N ASN A 82 -10.63 0.69 -34.81
CA ASN A 82 -9.31 0.35 -35.30
C ASN A 82 -8.85 1.45 -36.26
N ASP A 83 -7.70 1.20 -36.88
CA ASP A 83 -7.12 2.20 -37.77
C ASP A 83 -8.08 2.56 -38.90
N ASN A 84 -8.79 1.57 -39.44
CA ASN A 84 -9.65 1.83 -40.59
C ASN A 84 -11.01 2.39 -40.17
N ASN A 85 -11.64 1.76 -39.19
CA ASN A 85 -13.04 2.03 -38.87
C ASN A 85 -13.24 3.31 -38.10
N TYR A 86 -12.16 4.02 -37.73
CA TYR A 86 -12.31 5.20 -36.88
C TYR A 86 -13.20 6.24 -37.54
N ASN A 87 -14.14 6.78 -36.79
CA ASN A 87 -15.02 7.85 -37.23
C ASN A 87 -14.87 9.02 -36.25
N GLU A 88 -14.69 10.22 -36.80
CA GLU A 88 -14.35 11.36 -35.95
C GLU A 88 -15.48 11.70 -35.00
N ASN A 89 -16.73 11.41 -35.37
CA ASN A 89 -17.87 11.81 -34.57
C ASN A 89 -18.05 10.95 -33.32
N ILE A 90 -17.23 9.92 -33.12
CA ILE A 90 -17.35 9.11 -31.92
C ILE A 90 -16.85 9.84 -30.69
N ASN A 91 -16.10 10.93 -30.87
CA ASN A 91 -15.63 11.70 -29.73
C ASN A 91 -16.73 12.49 -29.06
N LEU A 92 -17.91 12.57 -29.65
CA LEU A 92 -19.00 13.35 -29.08
C LEU A 92 -19.66 12.67 -27.89
N ILE A 93 -19.50 11.35 -27.75
CA ILE A 93 -20.08 10.66 -26.60
C ILE A 93 -19.50 11.21 -25.30
N TYR A 94 -18.22 11.55 -25.31
CA TYR A 94 -17.56 11.93 -24.07
C TYR A 94 -18.05 13.27 -23.53
N LYS A 95 -18.64 14.11 -24.37
CA LYS A 95 -18.97 15.46 -23.95
C LYS A 95 -20.08 15.47 -22.92
N ASP A 96 -19.92 16.30 -21.89
CA ASP A 96 -20.95 16.54 -20.88
C ASP A 96 -21.33 15.25 -20.17
N ILE A 97 -20.33 14.53 -19.70
CA ILE A 97 -20.54 13.33 -18.89
C ILE A 97 -20.09 13.64 -17.47
N LYS A 98 -20.47 12.76 -16.55
CA LYS A 98 -20.05 12.83 -15.16
C LYS A 98 -19.40 11.56 -14.66
N TYR A 99 -19.68 10.42 -15.29
CA TYR A 99 -18.99 9.17 -14.99
C TYR A 99 -18.78 8.41 -16.29
N CYS A 100 -17.73 7.62 -16.34
CA CYS A 100 -17.47 6.78 -17.49
C CYS A 100 -16.66 5.57 -17.04
N GLY A 101 -17.03 4.38 -17.52
CA GLY A 101 -16.42 3.15 -17.07
C GLY A 101 -15.21 2.75 -17.89
N LEU A 102 -14.03 2.69 -17.25
CA LEU A 102 -12.77 2.46 -17.92
C LEU A 102 -12.18 1.14 -17.48
N ASN A 103 -11.89 0.28 -18.44
CA ASN A 103 -11.25 -1.00 -18.16
C ASN A 103 -10.32 -1.33 -19.31
N ILE A 104 -9.16 -1.89 -19.00
CA ILE A 104 -8.11 -2.13 -19.97
C ILE A 104 -7.64 -3.57 -19.86
N GLN A 105 -7.49 -4.22 -21.00
CA GLN A 105 -6.97 -5.57 -21.09
C GLN A 105 -5.53 -5.54 -21.59
N THR A 106 -4.71 -6.46 -21.07
CA THR A 106 -3.28 -6.49 -21.35
C THR A 106 -2.84 -7.92 -21.63
N THR A 107 -1.72 -8.03 -22.35
CA THR A 107 -1.20 -9.35 -22.70
C THR A 107 -0.73 -10.11 -21.47
N GLY A 108 -0.04 -9.44 -20.54
CA GLY A 108 0.41 -10.08 -19.32
C GLY A 108 0.32 -9.11 -18.16
N LEU A 109 0.67 -9.63 -16.99
CA LEU A 109 0.53 -8.83 -15.77
C LEU A 109 1.59 -7.73 -15.69
N GLU A 110 2.84 -8.07 -15.98
CA GLU A 110 3.93 -7.13 -15.72
C GLU A 110 3.83 -5.92 -16.65
N VAL A 111 3.97 -4.73 -16.06
CA VAL A 111 3.81 -3.50 -16.82
C VAL A 111 4.96 -3.33 -17.81
N PHE A 112 6.16 -3.72 -17.42
CA PHE A 112 7.34 -3.42 -18.23
C PHE A 112 7.44 -4.34 -19.45
N ASP A 113 7.01 -5.59 -19.32
CA ASP A 113 7.17 -6.58 -20.37
C ASP A 113 5.96 -6.68 -21.29
N GLU A 114 4.90 -5.92 -21.04
CA GLU A 114 3.62 -6.12 -21.70
C GLU A 114 3.02 -4.79 -22.10
N ASN A 115 2.21 -4.83 -23.15
CA ASN A 115 1.53 -3.65 -23.67
C ASN A 115 0.08 -3.67 -23.25
N ILE A 116 -0.68 -2.68 -23.72
CA ILE A 116 -2.12 -2.63 -23.53
C ILE A 116 -2.78 -3.10 -24.80
N ARG A 117 -3.62 -4.13 -24.69
CA ARG A 117 -4.32 -4.66 -25.85
C ARG A 117 -5.56 -3.83 -26.17
N LEU A 118 -6.48 -3.72 -25.22
CA LEU A 118 -7.75 -3.05 -25.43
C LEU A 118 -7.98 -2.01 -24.34
N ILE A 119 -8.48 -0.85 -24.75
CA ILE A 119 -9.04 0.16 -23.85
C ILE A 119 -10.54 0.18 -24.07
N GLN A 120 -11.30 0.20 -22.99
CA GLN A 120 -12.75 0.21 -23.03
C GLN A 120 -13.26 1.45 -22.31
N ILE A 121 -14.28 2.08 -22.89
CA ILE A 121 -14.97 3.21 -22.27
C ILE A 121 -16.47 2.92 -22.30
N ALA A 122 -17.14 3.17 -21.18
CA ALA A 122 -18.57 2.89 -21.04
C ALA A 122 -19.29 4.14 -20.59
N VAL A 123 -20.07 4.73 -21.49
CA VAL A 123 -20.88 5.90 -21.21
C VAL A 123 -22.34 5.47 -21.22
N GLU A 124 -23.08 5.89 -20.20
CA GLU A 124 -24.38 5.32 -19.92
C GLU A 124 -25.33 5.50 -21.11
N ASN A 125 -26.19 4.51 -21.30
CA ASN A 125 -27.15 4.50 -22.40
C ASN A 125 -26.47 4.52 -23.77
N TYR A 126 -25.24 4.03 -23.83
CA TYR A 126 -24.52 3.82 -25.07
C TYR A 126 -23.74 2.52 -24.96
N PRO A 127 -23.36 1.93 -26.09
CA PRO A 127 -22.49 0.76 -26.00
C PRO A 127 -21.14 1.09 -25.40
N VAL A 128 -20.27 0.09 -25.28
CA VAL A 128 -18.91 0.29 -24.78
C VAL A 128 -17.98 0.46 -25.96
N ILE A 129 -17.19 1.52 -25.93
CA ILE A 129 -16.24 1.81 -27.00
C ILE A 129 -14.94 1.07 -26.71
N ILE A 130 -14.56 0.17 -27.62
CA ILE A 130 -13.31 -0.58 -27.50
C ILE A 130 -12.30 0.02 -28.47
N TYR A 131 -11.19 0.51 -27.92
CA TYR A 131 -10.06 0.99 -28.72
C TYR A 131 -9.05 -0.13 -28.85
N ASP A 132 -8.75 -0.53 -30.07
CA ASP A 132 -7.80 -1.62 -30.32
C ASP A 132 -6.43 -0.99 -30.54
N MET A 133 -5.62 -0.95 -29.48
CA MET A 133 -4.35 -0.22 -29.53
C MET A 133 -3.40 -0.85 -30.54
N PHE A 134 -3.53 -2.16 -30.78
CA PHE A 134 -2.65 -2.81 -31.73
C PHE A 134 -2.92 -2.38 -33.16
N ASN A 135 -4.17 -2.09 -33.51
CA ASN A 135 -4.54 -1.62 -34.84
C ASN A 135 -4.91 -0.15 -34.80
N ILE A 136 -4.20 0.61 -33.98
CA ILE A 136 -4.34 2.06 -33.92
C ILE A 136 -2.98 2.66 -34.22
N ASN A 137 -2.93 3.54 -35.21
CA ASN A 137 -1.69 4.24 -35.58
C ASN A 137 -1.87 5.73 -35.82
N LYS A 138 -3.08 6.19 -36.15
CA LYS A 138 -3.33 7.62 -36.34
C LYS A 138 -3.52 8.23 -34.97
N LYS A 139 -2.51 8.96 -34.50
CA LYS A 139 -2.47 9.36 -33.10
C LYS A 139 -3.58 10.35 -32.72
N ASP A 140 -4.28 10.91 -33.71
CA ASP A 140 -5.46 11.70 -33.40
C ASP A 140 -6.60 10.83 -32.88
N ILE A 141 -6.53 9.51 -33.06
CA ILE A 141 -7.59 8.62 -32.61
C ILE A 141 -7.79 8.71 -31.12
N LEU A 142 -6.69 8.70 -30.37
CA LEU A 142 -6.76 8.64 -28.92
C LEU A 142 -6.98 10.00 -28.27
N ASP A 143 -7.15 11.06 -29.07
CA ASP A 143 -7.32 12.39 -28.51
C ASP A 143 -8.54 12.45 -27.60
N GLY A 144 -9.68 11.93 -28.07
CA GLY A 144 -10.86 11.92 -27.23
C GLY A 144 -10.67 11.10 -25.98
N LEU A 145 -10.02 9.95 -26.11
CA LEU A 145 -9.69 9.15 -24.93
C LEU A 145 -8.80 9.94 -23.99
N ARG A 146 -7.83 10.67 -24.54
CA ARG A 146 -6.92 11.42 -23.69
C ARG A 146 -7.66 12.49 -22.91
N LYS A 147 -8.60 13.18 -23.56
CA LYS A 147 -9.29 14.27 -22.88
C LYS A 147 -10.33 13.76 -21.89
N VAL A 148 -11.01 12.65 -22.19
CA VAL A 148 -11.94 12.11 -21.19
C VAL A 148 -11.16 11.53 -20.01
N LEU A 149 -9.96 10.99 -20.26
CA LEU A 149 -9.16 10.47 -19.15
C LEU A 149 -8.61 11.60 -18.29
N GLU A 150 -8.12 12.67 -18.93
CA GLU A 150 -7.42 13.71 -18.19
C GLU A 150 -8.36 14.69 -17.52
N ASN A 151 -9.63 14.72 -17.90
CA ASN A 151 -10.57 15.67 -17.31
C ASN A 151 -10.79 15.35 -15.83
N LYS A 152 -10.76 16.38 -15.00
CA LYS A 152 -10.98 16.23 -13.57
C LYS A 152 -12.44 16.27 -13.16
N ASN A 153 -13.35 16.57 -14.08
CA ASN A 153 -14.77 16.58 -13.79
C ASN A 153 -15.47 15.27 -14.15
N ILE A 154 -14.74 14.28 -14.68
CA ILE A 154 -15.31 13.01 -15.11
C ILE A 154 -14.81 11.94 -14.16
N ILE A 155 -15.74 11.29 -13.44
CA ILE A 155 -15.39 10.29 -12.46
C ILE A 155 -15.19 8.98 -13.21
N LYS A 156 -13.95 8.71 -13.62
CA LYS A 156 -13.62 7.45 -14.27
C LYS A 156 -13.81 6.31 -13.29
N ILE A 157 -14.58 5.30 -13.69
CA ILE A 157 -14.80 4.11 -12.88
C ILE A 157 -13.86 3.03 -13.39
N ILE A 158 -13.08 2.43 -12.49
CA ILE A 158 -12.19 1.34 -12.83
C ILE A 158 -12.38 0.24 -11.79
N GLN A 159 -12.11 -1.00 -12.22
CA GLN A 159 -11.99 -2.13 -11.31
C GLN A 159 -10.51 -2.43 -11.10
N ASN A 160 -10.09 -2.50 -9.84
CA ASN A 160 -8.68 -2.66 -9.49
C ASN A 160 -7.86 -1.56 -10.13
N GLY A 161 -8.16 -0.34 -9.69
CA GLY A 161 -7.63 0.84 -10.36
C GLY A 161 -6.12 0.92 -10.42
N LYS A 162 -5.44 0.27 -9.47
CA LYS A 162 -3.98 0.35 -9.44
C LYS A 162 -3.36 -0.25 -10.69
N PHE A 163 -3.81 -1.44 -11.09
CA PHE A 163 -3.25 -2.13 -12.25
C PHE A 163 -3.47 -1.32 -13.52
N ASP A 164 -4.71 -0.91 -13.77
CA ASP A 164 -5.02 -0.17 -14.99
C ASP A 164 -4.32 1.18 -15.00
N ALA A 165 -4.29 1.87 -13.86
CA ALA A 165 -3.63 3.16 -13.80
C ALA A 165 -2.14 3.02 -14.07
N LYS A 166 -1.51 1.97 -13.54
CA LYS A 166 -0.11 1.74 -13.80
C LYS A 166 0.14 1.56 -15.30
N PHE A 167 -0.67 0.72 -15.94
CA PHE A 167 -0.47 0.47 -17.36
C PHE A 167 -0.69 1.73 -18.18
N LEU A 168 -1.68 2.54 -17.80
CA LEU A 168 -1.94 3.76 -18.57
C LEU A 168 -0.83 4.79 -18.38
N LEU A 169 -0.40 5.02 -17.13
CA LEU A 169 0.64 6.01 -16.89
C LEU A 169 1.94 5.62 -17.56
N HIS A 170 2.28 4.33 -17.54
CA HIS A 170 3.55 3.92 -18.14
C HIS A 170 3.60 4.19 -19.64
N ASN A 171 2.45 4.29 -20.29
CA ASN A 171 2.37 4.53 -21.73
C ASN A 171 1.92 5.96 -22.04
N ASN A 172 2.38 6.92 -21.25
CA ASN A 172 2.27 8.35 -21.53
C ASN A 172 0.84 8.87 -21.47
N PHE A 173 -0.14 8.05 -21.06
CA PHE A 173 -1.47 8.57 -20.76
C PHE A 173 -1.45 9.26 -19.41
N LYS A 174 -2.39 10.18 -19.22
CA LYS A 174 -2.60 10.82 -17.92
C LYS A 174 -4.05 10.68 -17.54
N ILE A 175 -4.31 10.09 -16.38
CA ILE A 175 -5.65 9.89 -15.85
C ILE A 175 -5.70 10.56 -14.48
N GLU A 176 -6.71 11.39 -14.25
CA GLU A 176 -6.74 12.29 -13.12
C GLU A 176 -7.74 11.87 -12.05
N ASN A 177 -9.03 11.84 -12.37
CA ASN A 177 -10.04 11.42 -11.42
C ASN A 177 -10.31 9.93 -11.59
N ILE A 178 -10.80 9.31 -10.52
CA ILE A 178 -10.84 7.85 -10.47
C ILE A 178 -11.76 7.44 -9.34
N PHE A 179 -12.45 6.32 -9.53
CA PHE A 179 -13.36 5.77 -8.53
C PHE A 179 -13.31 4.25 -8.66
N ASP A 180 -12.70 3.60 -7.69
CA ASP A 180 -12.39 2.17 -7.79
C ASP A 180 -13.42 1.36 -7.03
N THR A 181 -14.08 0.43 -7.74
CA THR A 181 -15.10 -0.38 -7.10
C THR A 181 -14.51 -1.33 -6.08
N TYR A 182 -13.25 -1.73 -6.25
CA TYR A 182 -12.61 -2.59 -5.27
C TYR A 182 -12.47 -1.89 -3.93
N ILE A 183 -12.06 -0.61 -3.94
CA ILE A 183 -11.95 0.12 -2.69
C ILE A 183 -13.32 0.31 -2.05
N ALA A 184 -14.33 0.63 -2.84
CA ALA A 184 -15.67 0.80 -2.29
C ALA A 184 -16.16 -0.49 -1.66
N SER A 185 -15.99 -1.61 -2.35
CA SER A 185 -16.44 -2.89 -1.81
C SER A 185 -15.66 -3.26 -0.57
N LYS A 186 -14.35 -3.04 -0.57
CA LYS A 186 -13.54 -3.41 0.58
C LYS A 186 -13.92 -2.58 1.80
N LEU A 187 -14.08 -1.27 1.63
CA LEU A 187 -14.45 -0.43 2.78
C LEU A 187 -15.85 -0.75 3.27
N LEU A 188 -16.80 -0.96 2.36
CA LEU A 188 -18.17 -1.19 2.79
C LEU A 188 -18.31 -2.47 3.59
N ASP A 189 -17.54 -3.50 3.25
CA ASP A 189 -17.62 -4.75 3.98
C ASP A 189 -17.10 -4.64 5.40
N LYS A 190 -16.40 -3.56 5.74
CA LYS A 190 -15.92 -3.35 7.10
C LYS A 190 -15.02 -4.50 7.55
N ASN A 191 -14.21 -5.00 6.63
CA ASN A 191 -13.22 -6.03 6.94
C ASN A 191 -13.87 -7.31 7.45
N LYS A 192 -15.11 -7.59 7.01
CA LYS A 192 -15.78 -8.81 7.43
C LYS A 192 -15.12 -10.05 6.81
N ASN A 193 -14.83 -10.00 5.52
CA ASN A 193 -14.25 -11.12 4.79
C ASN A 193 -12.99 -10.68 4.08
N MET A 194 -11.96 -11.53 4.13
CA MET A 194 -10.70 -11.20 3.46
C MET A 194 -10.77 -11.51 1.97
N TYR A 195 -11.10 -12.74 1.62
CA TYR A 195 -11.24 -13.13 0.23
C TYR A 195 -12.50 -12.48 -0.36
N GLY A 196 -12.75 -12.77 -1.63
CA GLY A 196 -13.83 -12.13 -2.35
C GLY A 196 -13.37 -10.86 -3.03
N PHE A 197 -14.33 -9.97 -3.27
CA PHE A 197 -14.07 -8.64 -3.78
C PHE A 197 -13.47 -8.65 -5.18
N LYS A 198 -13.78 -9.67 -5.97
CA LYS A 198 -13.49 -9.64 -7.39
C LYS A 198 -14.70 -9.07 -8.13
N LEU A 199 -14.54 -8.85 -9.43
CA LEU A 199 -15.61 -8.20 -10.19
C LEU A 199 -16.86 -9.07 -10.21
N ASN A 200 -16.69 -10.37 -10.47
CA ASN A 200 -17.84 -11.28 -10.49
C ASN A 200 -18.51 -11.30 -9.13
N ASN A 201 -17.74 -11.42 -8.06
CA ASN A 201 -18.31 -11.50 -6.73
C ASN A 201 -19.07 -10.22 -6.38
N ILE A 202 -18.49 -9.07 -6.69
CA ILE A 202 -19.14 -7.80 -6.35
C ILE A 202 -20.42 -7.62 -7.15
N VAL A 203 -20.39 -7.94 -8.44
CA VAL A 203 -21.59 -7.77 -9.26
C VAL A 203 -22.68 -8.72 -8.78
N GLU A 204 -22.32 -9.97 -8.48
CA GLU A 204 -23.30 -10.91 -7.94
C GLU A 204 -23.88 -10.39 -6.63
N LYS A 205 -23.02 -9.87 -5.75
CA LYS A 205 -23.49 -9.44 -4.45
C LYS A 205 -24.46 -8.28 -4.55
N TYR A 206 -24.16 -7.30 -5.40
CA TYR A 206 -24.94 -6.07 -5.43
C TYR A 206 -26.03 -6.05 -6.49
N LEU A 207 -25.69 -6.28 -7.76
CA LEU A 207 -26.69 -6.14 -8.82
C LEU A 207 -27.41 -7.44 -9.18
N ASN A 208 -27.12 -8.56 -8.52
CA ASN A 208 -27.85 -9.81 -8.72
C ASN A 208 -27.71 -10.29 -10.17
N VAL A 209 -26.45 -10.53 -10.56
CA VAL A 209 -26.13 -10.99 -11.91
C VAL A 209 -24.85 -11.80 -11.84
N ILE A 210 -24.79 -12.86 -12.65
CA ILE A 210 -23.62 -13.72 -12.76
C ILE A 210 -22.94 -13.39 -14.07
N LEU A 211 -21.67 -12.98 -13.99
CA LEU A 211 -20.98 -12.48 -15.18
C LEU A 211 -20.48 -13.60 -16.09
N ASP A 212 -20.48 -14.85 -15.63
CA ASP A 212 -19.98 -15.97 -16.42
C ASP A 212 -18.53 -15.72 -16.86
N LYS A 213 -17.68 -15.54 -15.84
CA LYS A 213 -16.25 -15.30 -16.07
C LYS A 213 -15.51 -16.63 -16.23
N GLN A 214 -15.87 -17.34 -17.29
CA GLN A 214 -15.27 -18.63 -17.61
C GLN A 214 -14.08 -18.51 -18.56
N GLN A 215 -13.70 -17.30 -18.97
CA GLN A 215 -12.51 -17.11 -19.78
C GLN A 215 -11.28 -17.43 -18.94
N GLN A 216 -10.58 -18.50 -19.28
CA GLN A 216 -9.41 -18.94 -18.52
C GLN A 216 -8.14 -18.30 -19.05
N ASN A 217 -8.15 -16.96 -19.04
CA ASN A 217 -7.00 -16.16 -19.48
C ASN A 217 -6.63 -16.50 -20.93
N SER A 218 -7.56 -16.20 -21.82
CA SER A 218 -7.37 -16.52 -23.23
C SER A 218 -6.18 -15.75 -23.80
N VAL A 219 -5.57 -16.30 -24.85
CA VAL A 219 -4.40 -15.70 -25.45
C VAL A 219 -4.80 -14.37 -26.07
N TRP A 220 -4.16 -13.29 -25.60
CA TRP A 220 -4.46 -11.94 -26.08
C TRP A 220 -3.45 -11.42 -27.09
N ASN A 221 -2.25 -12.02 -27.17
CA ASN A 221 -1.20 -11.46 -28.01
C ASN A 221 -1.59 -11.42 -29.48
N ASN A 222 -2.54 -12.24 -29.90
CA ASN A 222 -2.90 -12.30 -31.31
C ASN A 222 -3.53 -10.99 -31.76
N SER A 223 -3.21 -10.60 -33.00
CA SER A 223 -3.83 -9.41 -33.57
C SER A 223 -5.34 -9.60 -33.71
N LEU A 224 -5.77 -10.81 -34.01
CA LEU A 224 -7.18 -11.13 -34.13
C LEU A 224 -7.74 -11.54 -32.78
N LEU A 225 -8.95 -11.07 -32.47
CA LEU A 225 -9.60 -11.33 -31.20
C LEU A 225 -10.98 -11.94 -31.44
N ASN A 226 -11.28 -13.00 -30.70
CA ASN A 226 -12.51 -13.74 -30.92
C ASN A 226 -13.69 -13.08 -30.20
N ASN A 227 -14.88 -13.60 -30.48
CA ASN A 227 -16.10 -12.94 -30.02
C ASN A 227 -16.21 -12.97 -28.50
N ASN A 228 -15.97 -14.14 -27.90
CA ASN A 228 -16.20 -14.28 -26.47
C ASN A 228 -15.32 -13.35 -25.66
N GLN A 229 -14.05 -13.19 -26.08
CA GLN A 229 -13.15 -12.32 -25.34
C GLN A 229 -13.67 -10.89 -25.32
N LEU A 230 -14.01 -10.36 -26.49
CA LEU A 230 -14.48 -8.97 -26.55
C LEU A 230 -15.77 -8.78 -25.79
N PHE A 231 -16.69 -9.74 -25.89
CA PHE A 231 -17.97 -9.58 -25.20
C PHE A 231 -17.79 -9.65 -23.68
N TYR A 232 -16.95 -10.57 -23.21
CA TYR A 232 -16.66 -10.61 -21.79
C TYR A 232 -15.99 -9.33 -21.34
N ALA A 233 -15.11 -8.77 -22.17
CA ALA A 233 -14.48 -7.50 -21.84
C ALA A 233 -15.49 -6.36 -21.86
N ALA A 234 -16.55 -6.49 -22.65
CA ALA A 234 -17.55 -5.44 -22.71
C ALA A 234 -18.43 -5.42 -21.47
N ARG A 235 -18.85 -6.59 -20.99
CA ARG A 235 -19.68 -6.62 -19.80
C ARG A 235 -18.90 -6.28 -18.54
N ASP A 236 -17.58 -6.35 -18.58
CA ASP A 236 -16.77 -5.91 -17.46
C ASP A 236 -16.66 -4.40 -17.37
N SER A 237 -17.01 -3.68 -18.43
CA SER A 237 -17.01 -2.22 -18.43
C SER A 237 -18.38 -1.64 -18.17
N SER A 238 -19.42 -2.18 -18.80
CA SER A 238 -20.77 -1.67 -18.57
C SER A 238 -21.25 -1.97 -17.17
N CYS A 239 -20.80 -3.06 -16.56
CA CYS A 239 -21.26 -3.40 -15.23
C CYS A 239 -20.71 -2.46 -14.16
N LEU A 240 -19.76 -1.60 -14.50
CA LEU A 240 -19.19 -0.70 -13.51
C LEU A 240 -20.11 0.49 -13.21
N LEU A 241 -20.95 0.89 -14.17
CA LEU A 241 -21.82 2.03 -13.91
C LEU A 241 -22.92 1.68 -12.90
N LYS A 242 -23.51 0.49 -13.02
CA LYS A 242 -24.50 0.08 -12.03
C LYS A 242 -23.88 -0.04 -10.64
N LEU A 243 -22.70 -0.63 -10.56
CA LEU A 243 -22.00 -0.69 -9.29
C LEU A 243 -21.74 0.71 -8.76
N TYR A 244 -21.41 1.65 -9.65
CA TYR A 244 -21.19 3.01 -9.19
C TYR A 244 -22.44 3.57 -8.54
N LYS A 245 -23.58 3.39 -9.19
CA LYS A 245 -24.82 3.92 -8.65
C LYS A 245 -25.15 3.33 -7.29
N LYS A 246 -24.97 2.02 -7.13
CA LYS A 246 -25.33 1.42 -5.85
C LYS A 246 -24.30 1.74 -4.77
N LEU A 247 -23.00 1.66 -5.10
CA LEU A 247 -21.98 1.88 -4.09
C LEU A 247 -21.92 3.33 -3.64
N LYS A 248 -22.23 4.28 -4.52
CA LYS A 248 -22.28 5.67 -4.08
C LYS A 248 -23.28 5.84 -2.95
N GLU A 249 -24.50 5.32 -3.14
CA GLU A 249 -25.53 5.45 -2.12
C GLU A 249 -25.17 4.65 -0.87
N GLU A 250 -24.62 3.45 -1.05
CA GLU A 250 -24.25 2.64 0.12
C GLU A 250 -23.17 3.33 0.94
N ILE A 251 -22.17 3.92 0.29
CA ILE A 251 -21.15 4.67 1.01
C ILE A 251 -21.77 5.88 1.69
N LYS A 252 -22.65 6.59 0.99
CA LYS A 252 -23.23 7.80 1.56
C LYS A 252 -24.05 7.48 2.80
N LYS A 253 -24.78 6.37 2.77
CA LYS A 253 -25.55 5.97 3.93
C LYS A 253 -24.66 5.49 5.08
N GLU A 254 -23.40 5.17 4.80
CA GLU A 254 -22.45 4.72 5.82
C GLU A 254 -21.45 5.79 6.22
N ASN A 255 -21.50 6.98 5.63
CA ASN A 255 -20.60 8.07 5.99
C ASN A 255 -19.14 7.69 5.76
N LEU A 256 -18.87 7.02 4.64
CA LEU A 256 -17.53 6.58 4.27
C LEU A 256 -16.94 7.39 3.13
N HIS A 257 -17.52 8.55 2.82
CA HIS A 257 -17.10 9.26 1.62
C HIS A 257 -15.72 9.88 1.77
N ILE A 258 -15.34 10.28 2.99
CA ILE A 258 -14.02 10.87 3.19
C ILE A 258 -12.92 9.85 2.87
N VAL A 259 -13.03 8.66 3.46
CA VAL A 259 -11.96 7.67 3.27
C VAL A 259 -11.97 7.15 1.85
N ASN A 260 -13.14 6.99 1.24
CA ASN A 260 -13.20 6.57 -0.15
C ASN A 260 -12.55 7.59 -1.05
N ASP A 261 -12.82 8.87 -0.82
CA ASP A 261 -12.18 9.91 -1.63
C ASP A 261 -10.67 9.89 -1.46
N ILE A 262 -10.20 9.74 -0.22
CA ILE A 262 -8.76 9.72 0.02
C ILE A 262 -8.13 8.54 -0.71
N GLU A 263 -8.73 7.35 -0.61
CA GLU A 263 -8.15 6.18 -1.26
C GLU A 263 -8.16 6.31 -2.77
N ASN A 264 -9.27 6.79 -3.33
CA ASN A 264 -9.34 6.94 -4.77
C ASN A 264 -8.29 7.90 -5.28
N LYS A 265 -8.11 9.04 -4.61
CA LYS A 265 -7.10 9.99 -5.05
C LYS A 265 -5.69 9.51 -4.73
N CYS A 266 -5.54 8.58 -3.79
CA CYS A 266 -4.24 8.00 -3.47
C CYS A 266 -3.88 6.82 -4.34
N ILE A 267 -4.79 6.37 -5.21
CA ILE A 267 -4.44 5.32 -6.17
C ILE A 267 -3.22 5.74 -7.00
N LEU A 268 -3.25 6.96 -7.54
CA LEU A 268 -2.22 7.39 -8.48
C LEU A 268 -0.83 7.52 -7.84
N PRO A 269 -0.69 8.12 -6.65
CA PRO A 269 0.63 8.10 -6.00
C PRO A 269 1.21 6.71 -5.81
N ILE A 270 0.37 5.71 -5.52
CA ILE A 270 0.86 4.34 -5.40
C ILE A 270 1.41 3.86 -6.72
N CYS A 271 0.73 4.19 -7.82
CA CYS A 271 1.24 3.83 -9.13
C CYS A 271 2.58 4.48 -9.40
N ASP A 272 2.72 5.75 -9.01
CA ASP A 272 4.00 6.42 -9.20
C ASP A 272 5.11 5.73 -8.41
N MET A 273 4.81 5.38 -7.16
CA MET A 273 5.82 4.71 -6.32
C MET A 273 6.23 3.38 -6.92
N GLU A 274 5.27 2.60 -7.40
CA GLU A 274 5.61 1.30 -7.98
C GLU A 274 6.40 1.47 -9.28
N LEU A 275 6.01 2.43 -10.12
CA LEU A 275 6.68 2.57 -11.40
C LEU A 275 8.11 3.03 -11.23
N ASN A 276 8.36 4.01 -10.37
CA ASN A 276 9.70 4.56 -10.28
C ASN A 276 10.64 3.64 -9.53
N GLY A 277 10.19 3.06 -8.43
CA GLY A 277 11.05 2.17 -7.67
C GLY A 277 12.18 2.92 -6.98
N ILE A 278 13.17 2.15 -6.53
CA ILE A 278 14.33 2.69 -5.83
C ILE A 278 15.58 2.00 -6.36
N LYS A 279 16.58 2.79 -6.75
CA LYS A 279 17.78 2.25 -7.36
C LYS A 279 18.72 1.65 -6.30
N VAL A 280 19.45 0.63 -6.71
CA VAL A 280 20.39 -0.07 -5.86
C VAL A 280 21.79 0.05 -6.46
N ASP A 281 22.74 0.51 -5.66
CA ASP A 281 24.13 0.61 -6.11
C ASP A 281 24.70 -0.79 -6.24
N LEU A 282 24.85 -1.25 -7.48
CA LEU A 282 25.31 -2.61 -7.70
C LEU A 282 26.71 -2.83 -7.13
N GLU A 283 27.59 -1.84 -7.29
CA GLU A 283 28.95 -1.98 -6.78
C GLU A 283 28.96 -2.14 -5.26
N ASN A 284 28.24 -1.26 -4.57
CA ASN A 284 28.21 -1.35 -3.11
C ASN A 284 27.49 -2.61 -2.65
N LEU A 285 26.43 -3.01 -3.36
CA LEU A 285 25.75 -4.25 -3.00
C LEU A 285 26.72 -5.43 -3.12
N GLN A 286 27.50 -5.48 -4.19
CA GLN A 286 28.46 -6.55 -4.35
C GLN A 286 29.51 -6.52 -3.23
N LYS A 287 30.01 -5.34 -2.91
CA LYS A 287 31.03 -5.26 -1.87
C LYS A 287 30.48 -5.72 -0.53
N SER A 288 29.27 -5.27 -0.18
CA SER A 288 28.68 -5.67 1.08
C SER A 288 28.42 -7.16 1.11
N THR A 289 27.95 -7.72 -0.01
CA THR A 289 27.69 -9.16 -0.04
C THR A 289 28.98 -9.95 0.13
N ASN A 290 30.06 -9.53 -0.52
CA ASN A 290 31.33 -10.21 -0.36
C ASN A 290 31.79 -10.16 1.10
N GLU A 291 31.76 -8.97 1.69
CA GLU A 291 32.22 -8.84 3.08
C GLU A 291 31.37 -9.66 4.02
N ILE A 292 30.04 -9.64 3.83
CA ILE A 292 29.17 -10.35 4.75
C ILE A 292 29.32 -11.85 4.59
N LEU A 293 29.54 -12.33 3.36
CA LEU A 293 29.76 -13.77 3.19
C LEU A 293 31.06 -14.19 3.85
N ASN A 294 32.11 -13.38 3.72
CA ASN A 294 33.36 -13.71 4.40
C ASN A 294 33.18 -13.73 5.91
N GLU A 295 32.47 -12.74 6.46
CA GLU A 295 32.22 -12.71 7.90
C GLU A 295 31.41 -13.92 8.33
N LEU A 296 30.44 -14.32 7.53
CA LEU A 296 29.65 -15.50 7.84
C LEU A 296 30.53 -16.74 7.88
N ASN A 297 31.40 -16.89 6.89
CA ASN A 297 32.29 -18.05 6.89
C ASN A 297 33.19 -18.06 8.11
N ILE A 298 33.73 -16.90 8.47
CA ILE A 298 34.65 -16.84 9.60
C ILE A 298 33.92 -17.19 10.90
N GLU A 299 32.74 -16.61 11.10
CA GLU A 299 31.99 -16.91 12.32
C GLU A 299 31.56 -18.37 12.35
N LYS A 300 31.18 -18.93 11.21
CA LYS A 300 30.81 -20.33 11.16
C LYS A 300 31.98 -21.20 11.55
N ASP A 301 33.18 -20.89 11.05
CA ASP A 301 34.35 -21.66 11.43
C ASP A 301 34.62 -21.54 12.92
N ASN A 302 34.47 -20.33 13.46
CA ASN A 302 34.70 -20.13 14.88
C ASN A 302 33.74 -20.98 15.71
N LEU A 303 32.45 -20.96 15.35
CA LEU A 303 31.48 -21.78 16.06
C LEU A 303 31.80 -23.26 15.90
N LYS A 304 32.20 -23.66 14.70
CA LYS A 304 32.55 -25.06 14.45
C LYS A 304 33.65 -25.50 15.40
N LYS A 305 34.69 -24.68 15.55
CA LYS A 305 35.73 -25.01 16.51
C LYS A 305 35.18 -25.00 17.93
N LYS A 306 34.22 -24.12 18.22
CA LYS A 306 33.68 -24.03 19.57
C LYS A 306 32.74 -25.19 19.88
N LEU A 307 31.88 -25.58 18.94
CA LEU A 307 31.01 -26.72 19.18
C LEU A 307 31.74 -28.05 19.21
N LYS A 308 33.00 -28.08 18.78
CA LYS A 308 33.81 -29.29 18.85
C LYS A 308 33.22 -30.43 18.03
N ASP A 309 32.57 -30.10 16.92
CA ASP A 309 32.04 -31.12 16.00
C ASP A 309 32.17 -30.54 14.59
N GLU A 310 33.22 -30.98 13.86
CA GLU A 310 33.48 -30.42 12.55
C GLU A 310 32.35 -30.72 11.57
N ASN A 311 31.77 -31.92 11.65
CA ASN A 311 30.69 -32.28 10.75
C ASN A 311 29.39 -31.54 11.06
N ILE A 312 29.34 -30.81 12.18
CA ILE A 312 28.08 -30.21 12.62
C ILE A 312 27.56 -29.23 11.58
N ASN A 313 26.25 -29.24 11.39
CA ASN A 313 25.55 -28.22 10.62
C ASN A 313 24.87 -27.28 11.60
N VAL A 314 25.15 -25.99 11.47
CA VAL A 314 24.65 -25.03 12.46
C VAL A 314 23.16 -24.82 12.30
N ASN A 315 22.67 -24.77 11.05
CA ASN A 315 21.29 -24.36 10.82
C ASN A 315 20.28 -25.32 11.43
N SER A 316 20.64 -26.57 11.66
CA SER A 316 19.72 -27.53 12.26
C SER A 316 19.45 -27.13 13.71
N GLN A 317 18.22 -26.68 13.97
CA GLN A 317 17.88 -26.18 15.29
C GLN A 317 18.06 -27.27 16.35
N GLN A 318 17.54 -28.46 16.08
CA GLN A 318 17.71 -29.56 17.02
C GLN A 318 19.18 -29.88 17.21
N GLN A 319 19.99 -29.74 16.18
CA GLN A 319 21.39 -30.11 16.31
C GLN A 319 22.16 -29.10 17.15
N VAL A 320 21.84 -27.81 17.02
CA VAL A 320 22.50 -26.83 17.89
C VAL A 320 22.03 -26.98 19.32
N LEU A 321 20.75 -27.32 19.51
CA LEU A 321 20.29 -27.63 20.86
C LEU A 321 21.10 -28.79 21.44
N LYS A 322 21.23 -29.88 20.67
CA LYS A 322 21.97 -31.03 21.16
C LYS A 322 23.43 -30.69 21.42
N ALA A 323 24.03 -29.90 20.54
CA ALA A 323 25.44 -29.55 20.72
C ALA A 323 25.64 -28.72 21.97
N LEU A 324 24.78 -27.72 22.19
CA LEU A 324 24.90 -26.93 23.40
C LEU A 324 24.65 -27.78 24.64
N GLN A 325 23.77 -28.77 24.52
CA GLN A 325 23.59 -29.72 25.63
C GLN A 325 24.87 -30.49 25.89
N LYS A 326 25.53 -30.93 24.82
CA LYS A 326 26.79 -31.67 24.97
C LYS A 326 27.86 -30.80 25.61
N ASN A 327 27.85 -29.51 25.30
CA ASN A 327 28.80 -28.60 25.94
C ASN A 327 28.59 -28.53 27.45
N ASN A 328 27.37 -28.79 27.91
CA ASN A 328 27.01 -28.87 29.32
C ASN A 328 27.01 -27.51 30.02
N VAL A 329 26.97 -26.42 29.27
CA VAL A 329 26.79 -25.11 29.88
C VAL A 329 25.41 -25.07 30.51
N ARG A 330 25.32 -24.43 31.68
CA ARG A 330 24.10 -24.40 32.48
C ARG A 330 23.62 -22.95 32.63
N ASP A 331 22.55 -22.80 33.43
CA ASP A 331 21.96 -21.52 33.74
C ASP A 331 22.55 -20.98 35.04
N ILE A 332 22.16 -19.74 35.38
CA ILE A 332 22.39 -19.25 36.73
C ILE A 332 21.70 -20.15 37.74
N SER A 333 20.60 -20.79 37.33
CA SER A 333 19.93 -21.81 38.11
C SER A 333 20.55 -23.19 37.93
N ASN A 334 21.75 -23.28 37.35
CA ASN A 334 22.40 -24.56 37.08
C ASN A 334 21.51 -25.46 36.22
N LYS A 335 20.81 -24.85 35.28
CA LYS A 335 19.89 -25.54 34.38
C LYS A 335 20.50 -25.58 32.98
N LEU A 336 20.51 -26.77 32.39
CA LEU A 336 20.99 -26.92 31.02
C LEU A 336 20.02 -26.24 30.06
N ILE A 337 20.55 -25.79 28.93
CA ILE A 337 19.75 -25.11 27.93
C ILE A 337 18.78 -26.10 27.31
N GLU A 338 17.56 -25.65 27.03
CA GLU A 338 16.59 -26.45 26.32
C GLU A 338 15.89 -25.67 25.22
N ASN A 339 16.35 -24.47 24.89
CA ASN A 339 15.69 -23.67 23.88
C ASN A 339 16.64 -22.56 23.46
N THR A 340 16.73 -22.33 22.15
CA THR A 340 17.51 -21.24 21.58
C THR A 340 16.62 -20.10 21.12
N SER A 341 15.56 -19.82 21.87
CA SER A 341 14.75 -18.63 21.62
C SER A 341 15.59 -17.38 21.87
N ASP A 342 15.29 -16.34 21.09
CA ASP A 342 16.11 -15.12 21.14
C ASP A 342 16.21 -14.59 22.55
N SER A 343 15.12 -14.67 23.32
CA SER A 343 15.15 -14.28 24.72
C SER A 343 15.83 -15.32 25.59
N ASN A 344 15.78 -16.59 25.22
CA ASN A 344 16.45 -17.61 26.01
C ASN A 344 17.97 -17.47 25.89
N LEU A 345 18.45 -16.99 24.74
CA LEU A 345 19.87 -16.69 24.61
C LEU A 345 20.30 -15.58 25.57
N LYS A 346 19.42 -14.62 25.83
CA LYS A 346 19.74 -13.61 26.83
C LYS A 346 19.93 -14.24 28.21
N ASN A 347 19.10 -15.24 28.53
CA ASN A 347 19.25 -15.94 29.81
C ASN A 347 20.54 -16.74 29.87
N PHE A 348 21.12 -17.10 28.73
CA PHE A 348 22.38 -17.83 28.66
C PHE A 348 23.35 -17.01 27.81
N LEU A 349 24.10 -16.11 28.46
CA LEU A 349 25.04 -15.24 27.76
C LEU A 349 26.41 -15.24 28.42
N ASN A 350 26.65 -16.09 29.41
CA ASN A 350 27.89 -16.06 30.17
C ASN A 350 28.97 -16.94 29.57
N HIS A 351 28.91 -17.22 28.27
CA HIS A 351 29.90 -18.05 27.61
C HIS A 351 30.22 -17.49 26.23
N GLU A 352 31.43 -17.80 25.75
CA GLU A 352 31.83 -17.38 24.42
C GLU A 352 31.11 -18.18 23.34
N GLU A 353 30.81 -19.45 23.63
CA GLU A 353 30.04 -20.27 22.70
C GLU A 353 28.74 -19.60 22.32
N ILE A 354 27.95 -19.22 23.31
CA ILE A 354 26.62 -18.73 22.99
C ILE A 354 26.71 -17.38 22.30
N ILE A 355 27.72 -16.59 22.64
CA ILE A 355 27.91 -15.31 21.95
C ILE A 355 28.19 -15.56 20.47
N SER A 356 29.08 -16.51 20.18
CA SER A 356 29.39 -16.82 18.80
C SER A 356 28.14 -17.33 18.07
N LEU A 357 27.35 -18.15 18.75
CA LEU A 357 26.13 -18.67 18.13
C LEU A 357 25.16 -17.55 17.81
N ARG A 358 24.97 -16.61 18.75
CA ARG A 358 24.04 -15.52 18.51
C ARG A 358 24.51 -14.65 17.35
N ASN A 359 25.80 -14.35 17.32
CA ASN A 359 26.32 -13.55 16.22
C ASN A 359 26.13 -14.26 14.90
N TYR A 360 26.36 -15.56 14.88
CA TYR A 360 26.17 -16.30 13.64
C TYR A 360 24.71 -16.27 13.21
N ARG A 361 23.78 -16.40 14.15
CA ARG A 361 22.38 -16.38 13.79
C ARG A 361 22.00 -15.04 13.18
N ARG A 362 22.50 -13.96 13.79
CA ARG A 362 22.21 -12.63 13.24
C ARG A 362 22.76 -12.51 11.83
N LEU A 363 24.03 -12.87 11.63
CA LEU A 363 24.62 -12.72 10.31
C LEU A 363 23.92 -13.59 9.28
N TYR A 364 23.59 -14.83 9.64
CA TYR A 364 22.94 -15.72 8.70
C TYR A 364 21.58 -15.18 8.29
N LYS A 365 20.78 -14.75 9.26
CA LYS A 365 19.46 -14.25 8.92
C LYS A 365 19.58 -13.03 8.03
N LEU A 366 20.44 -12.08 8.40
CA LEU A 366 20.60 -10.87 7.60
C LEU A 366 21.03 -11.21 6.17
N TYR A 367 22.05 -12.06 6.06
CA TYR A 367 22.59 -12.46 4.77
C TYR A 367 21.53 -13.11 3.90
N SER A 368 21.02 -14.27 4.33
CA SER A 368 20.11 -15.03 3.49
C SER A 368 18.73 -14.43 3.38
N ALA A 369 18.42 -13.38 4.16
CA ALA A 369 17.13 -12.70 4.04
C ALA A 369 17.19 -11.48 3.15
N PHE A 370 18.32 -10.77 3.11
CA PHE A 370 18.43 -9.58 2.27
C PHE A 370 19.43 -9.72 1.13
N TYR A 371 20.68 -10.07 1.42
CA TYR A 371 21.70 -9.94 0.39
C TYR A 371 21.53 -10.98 -0.70
N LEU A 372 21.18 -12.22 -0.34
CA LEU A 372 20.99 -13.25 -1.33
C LEU A 372 19.61 -13.22 -1.98
N LYS A 373 18.68 -12.44 -1.45
CA LYS A 373 17.36 -12.32 -2.02
C LYS A 373 17.20 -11.10 -2.91
N LEU A 374 17.98 -10.05 -2.67
CA LEU A 374 17.84 -8.84 -3.48
C LEU A 374 18.11 -9.07 -4.96
N PRO A 375 19.13 -9.82 -5.38
CA PRO A 375 19.42 -9.91 -6.82
C PRO A 375 18.26 -10.41 -7.66
N LEU A 376 17.40 -11.29 -7.11
CA LEU A 376 16.25 -11.73 -7.89
C LEU A 376 15.30 -10.59 -8.19
N HIS A 377 15.11 -9.68 -7.24
CA HIS A 377 14.17 -8.58 -7.44
C HIS A 377 14.71 -7.51 -8.38
N ILE A 378 16.03 -7.31 -8.41
CA ILE A 378 16.60 -6.24 -9.22
C ILE A 378 16.35 -6.53 -10.69
N ASN A 379 15.81 -5.55 -11.39
CA ASN A 379 15.58 -5.65 -12.83
C ASN A 379 16.85 -5.20 -13.54
N THR A 380 17.49 -6.13 -14.24
CA THR A 380 18.74 -5.80 -14.93
C THR A 380 18.53 -4.76 -16.02
N LYS A 381 17.30 -4.62 -16.54
CA LYS A 381 17.04 -3.63 -17.57
C LYS A 381 17.25 -2.20 -17.04
N THR A 382 16.76 -1.93 -15.83
CA THR A 382 16.86 -0.60 -15.24
C THR A 382 17.69 -0.56 -13.96
N ASN A 383 18.03 -1.72 -13.39
CA ASN A 383 18.81 -1.78 -12.15
C ASN A 383 18.09 -1.02 -11.04
N LYS A 384 16.79 -1.24 -10.93
CA LYS A 384 15.97 -0.69 -9.87
C LYS A 384 15.13 -1.79 -9.25
N ILE A 385 14.82 -1.64 -7.96
CA ILE A 385 13.87 -2.51 -7.29
C ILE A 385 12.49 -1.87 -7.40
N HIS A 386 11.51 -2.66 -7.84
CA HIS A 386 10.13 -2.22 -7.93
C HIS A 386 9.29 -3.07 -6.99
N THR A 387 8.38 -2.42 -6.27
CA THR A 387 7.53 -3.06 -5.28
C THR A 387 6.10 -3.14 -5.81
N THR A 388 5.28 -3.92 -5.13
CA THR A 388 3.85 -4.04 -5.41
C THR A 388 3.08 -3.56 -4.19
N PHE A 389 2.70 -2.28 -4.20
CA PHE A 389 2.01 -1.68 -3.07
C PHE A 389 0.53 -2.06 -3.09
N ASN A 390 0.02 -2.45 -1.93
CA ASN A 390 -1.39 -2.68 -1.71
C ASN A 390 -1.85 -1.80 -0.55
N GLN A 391 -3.06 -1.25 -0.66
CA GLN A 391 -3.49 -0.17 0.22
C GLN A 391 -4.66 -0.51 1.13
N LEU A 392 -5.30 -1.68 0.96
CA LEU A 392 -6.40 -2.05 1.84
C LEU A 392 -6.29 -3.49 2.33
N LYS A 393 -5.20 -4.20 2.04
CA LYS A 393 -5.04 -5.53 2.58
C LYS A 393 -4.76 -5.50 4.07
N THR A 394 -4.04 -4.49 4.54
CA THR A 394 -3.80 -4.34 5.97
C THR A 394 -5.09 -3.95 6.69
N PHE A 395 -5.32 -4.56 7.85
CA PHE A 395 -6.53 -4.25 8.61
C PHE A 395 -6.54 -2.81 9.07
N SER A 396 -5.41 -2.31 9.57
CA SER A 396 -5.36 -0.93 10.03
C SER A 396 -5.53 0.05 8.89
N GLY A 397 -5.12 -0.33 7.68
CA GLY A 397 -5.19 0.51 6.51
C GLY A 397 -3.85 0.98 5.99
N ARG A 398 -2.77 0.75 6.73
CA ARG A 398 -1.45 1.18 6.29
C ARG A 398 -1.03 0.40 5.06
N PHE A 399 -0.17 1.02 4.25
CA PHE A 399 0.30 0.36 3.04
C PHE A 399 1.09 -0.87 3.38
N SER A 400 0.91 -1.91 2.58
CA SER A 400 1.64 -3.17 2.70
C SER A 400 2.32 -3.48 1.38
N SER A 401 3.60 -3.80 1.45
CA SER A 401 4.40 -4.11 0.26
C SER A 401 4.57 -5.62 0.14
N GLU A 402 4.73 -6.07 -1.10
CA GLU A 402 4.96 -7.48 -1.38
C GLU A 402 5.98 -7.58 -2.51
N LYS A 403 6.13 -8.79 -3.05
CA LYS A 403 7.20 -9.12 -3.99
C LYS A 403 8.55 -8.82 -3.31
N PRO A 404 9.13 -7.58 -3.36
CA PRO A 404 10.09 -7.24 -2.30
C PRO A 404 9.40 -6.57 -1.14
N ASN A 405 9.56 -7.11 0.07
CA ASN A 405 8.89 -6.56 1.24
C ASN A 405 9.78 -5.46 1.80
N LEU A 406 9.36 -4.21 1.59
CA LEU A 406 10.16 -3.07 2.03
C LEU A 406 10.25 -3.01 3.55
N GLN A 407 9.16 -3.27 4.25
CA GLN A 407 9.20 -3.23 5.70
C GLN A 407 10.06 -4.33 6.30
N GLN A 408 10.33 -5.38 5.51
CA GLN A 408 11.20 -6.50 5.95
C GLN A 408 12.67 -6.16 5.67
N ILE A 409 12.97 -5.15 4.84
CA ILE A 409 14.36 -4.75 4.61
C ILE A 409 14.97 -4.34 5.95
N PRO A 410 16.17 -4.82 6.31
CA PRO A 410 16.73 -4.40 7.60
C PRO A 410 16.89 -2.90 7.66
N ARG A 411 16.68 -2.35 8.86
CA ARG A 411 16.72 -0.92 9.07
C ARG A 411 18.04 -0.46 9.69
N GLN A 412 19.04 -1.33 9.74
CA GLN A 412 20.36 -0.92 10.19
C GLN A 412 20.97 0.03 9.17
N LYS A 413 21.96 0.80 9.61
CA LYS A 413 22.50 1.85 8.77
C LYS A 413 23.19 1.29 7.52
N ASN A 414 24.00 0.25 7.69
CA ASN A 414 24.84 -0.19 6.58
C ASN A 414 24.03 -0.79 5.45
N ILE A 415 22.93 -1.47 5.77
CA ILE A 415 22.17 -2.18 4.74
C ILE A 415 21.46 -1.19 3.83
N ARG A 416 20.89 -0.12 4.41
CA ARG A 416 20.08 0.79 3.62
C ARG A 416 20.91 1.68 2.72
N GLU A 417 22.21 1.85 3.00
CA GLU A 417 23.03 2.71 2.17
C GLU A 417 23.13 2.23 0.73
N ILE A 418 22.82 0.96 0.48
CA ILE A 418 22.85 0.44 -0.89
C ILE A 418 21.88 1.23 -1.76
N PHE A 419 20.74 1.61 -1.21
CA PHE A 419 19.73 2.32 -1.97
C PHE A 419 20.20 3.74 -2.22
N ILE A 420 20.36 4.10 -3.49
CA ILE A 420 20.84 5.42 -3.88
C ILE A 420 19.80 6.02 -4.81
N PRO A 421 19.78 7.34 -4.94
CA PRO A 421 18.89 7.96 -5.93
C PRO A 421 19.40 7.71 -7.34
N ASN A 422 18.56 8.03 -8.30
CA ASN A 422 18.96 7.86 -9.70
C ASN A 422 20.13 8.78 -10.01
N ASP A 423 20.72 8.59 -11.19
CA ASP A 423 21.83 9.42 -11.60
C ASP A 423 21.40 10.87 -11.66
N ASN A 424 22.19 11.75 -11.05
CA ASN A 424 21.97 13.19 -11.11
C ASN A 424 20.70 13.59 -10.36
N ASN A 425 20.57 13.12 -9.12
CA ASN A 425 19.41 13.43 -8.27
C ASN A 425 19.83 13.35 -6.81
N ILE A 426 18.91 13.70 -5.92
CA ILE A 426 19.17 13.70 -4.49
C ILE A 426 17.87 13.45 -3.75
N PHE A 427 17.94 12.63 -2.70
CA PHE A 427 16.74 12.24 -1.97
C PHE A 427 16.32 13.32 -0.99
N ILE A 428 15.00 13.38 -0.73
CA ILE A 428 14.46 14.10 0.40
C ILE A 428 13.63 13.11 1.21
N ILE A 429 13.89 13.04 2.51
CA ILE A 429 13.26 12.08 3.40
C ILE A 429 12.61 12.86 4.53
N ALA A 430 11.31 12.66 4.72
CA ALA A 430 10.56 13.30 5.79
C ALA A 430 9.74 12.24 6.51
N ASP A 431 9.74 12.31 7.83
CA ASP A 431 9.06 11.33 8.66
C ASP A 431 8.40 12.01 9.84
N PHE A 432 7.16 11.61 10.14
CA PHE A 432 6.44 12.18 11.26
C PHE A 432 7.10 11.77 12.56
N LYS A 433 6.85 12.59 13.59
CA LYS A 433 7.30 12.32 14.95
C LYS A 433 6.11 12.03 15.83
N GLN A 434 6.05 10.82 16.37
CA GLN A 434 5.07 10.47 17.38
C GLN A 434 3.66 10.68 16.87
N ILE A 435 3.41 10.22 15.65
CA ILE A 435 2.09 10.40 15.05
C ILE A 435 1.05 9.59 15.80
N GLU A 436 1.42 8.38 16.26
CA GLU A 436 0.49 7.60 17.05
C GLU A 436 0.13 8.31 18.35
N LEU A 437 1.14 8.83 19.03
CA LEU A 437 0.88 9.48 20.31
C LEU A 437 0.10 10.77 20.12
N LYS A 438 0.40 11.53 19.08
CA LYS A 438 -0.37 12.74 18.81
C LYS A 438 -1.83 12.42 18.48
N ILE A 439 -2.06 11.40 17.66
CA ILE A 439 -3.43 11.04 17.33
C ILE A 439 -4.17 10.55 18.57
N ALA A 440 -3.50 9.78 19.42
CA ALA A 440 -4.14 9.34 20.65
C ALA A 440 -4.51 10.53 21.51
N ALA A 441 -3.62 11.51 21.61
CA ALA A 441 -3.94 12.71 22.37
C ALA A 441 -5.14 13.43 21.78
N GLU A 442 -5.20 13.50 20.45
CA GLU A 442 -6.32 14.20 19.82
C GLU A 442 -7.64 13.50 20.10
N ILE A 443 -7.70 12.20 19.86
CA ILE A 443 -8.97 11.48 19.99
C ILE A 443 -9.40 11.42 21.45
N THR A 444 -8.49 11.01 22.33
CA THR A 444 -8.86 10.87 23.73
C THR A 444 -9.02 12.21 24.43
N ASN A 445 -8.52 13.29 23.84
CA ASN A 445 -8.70 14.63 24.39
C ASN A 445 -8.04 14.76 25.75
N ASP A 446 -6.90 14.09 25.93
CA ASP A 446 -6.18 14.15 27.19
C ASP A 446 -5.61 15.54 27.42
N GLU A 447 -6.13 16.22 28.43
CA GLU A 447 -5.83 17.64 28.61
C GLU A 447 -4.34 17.88 28.81
N ILE A 448 -3.69 17.03 29.61
CA ILE A 448 -2.30 17.30 29.94
C ILE A 448 -1.41 17.09 28.72
N MET A 449 -1.67 16.06 27.93
CA MET A 449 -0.88 15.84 26.71
C MET A 449 -1.03 17.00 25.73
N LEU A 450 -2.26 17.48 25.53
CA LEU A 450 -2.47 18.57 24.57
C LEU A 450 -1.85 19.86 25.06
N LYS A 451 -2.02 20.19 26.35
CA LYS A 451 -1.37 21.36 26.90
C LYS A 451 0.15 21.21 26.88
N ALA A 452 0.65 19.98 26.89
CA ALA A 452 2.09 19.77 26.76
C ALA A 452 2.55 20.06 25.33
N TYR A 453 1.89 19.43 24.35
CA TYR A 453 2.27 19.60 22.96
C TYR A 453 1.97 20.99 22.42
N ASN A 454 1.18 21.80 23.13
CA ASN A 454 1.04 23.18 22.74
C ASN A 454 2.34 23.96 22.94
N ASN A 455 3.17 23.54 23.89
CA ASN A 455 4.42 24.22 24.21
C ASN A 455 5.65 23.44 23.78
N ASN A 456 5.48 22.48 22.86
CA ASN A 456 6.61 21.77 22.24
C ASN A 456 7.45 21.03 23.29
N ILE A 457 6.84 20.02 23.89
CA ILE A 457 7.53 19.06 24.73
C ILE A 457 7.03 17.67 24.37
N ASP A 458 7.95 16.76 24.10
CA ASP A 458 7.56 15.44 23.62
C ASP A 458 6.90 14.64 24.75
N LEU A 459 6.01 13.75 24.35
CA LEU A 459 5.34 12.89 25.32
C LEU A 459 6.25 11.79 25.83
N HIS A 460 7.33 11.48 25.11
CA HIS A 460 8.37 10.65 25.70
C HIS A 460 9.06 11.38 26.83
N THR A 461 9.43 12.64 26.61
CA THR A 461 10.03 13.43 27.68
C THR A 461 9.06 13.61 28.84
N LEU A 462 7.79 13.87 28.55
CA LEU A 462 6.81 14.04 29.61
C LEU A 462 6.62 12.74 30.37
N THR A 463 6.55 11.61 29.66
CA THR A 463 6.39 10.33 30.31
C THR A 463 7.58 10.04 31.21
N ALA A 464 8.78 10.30 30.72
CA ALA A 464 9.98 10.12 31.54
C ALA A 464 9.94 11.05 32.74
N SER A 465 9.46 12.28 32.56
CA SER A 465 9.44 13.22 33.66
C SER A 465 8.53 12.75 34.77
N ILE A 466 7.34 12.28 34.41
CA ILE A 466 6.45 11.77 35.45
C ILE A 466 7.03 10.51 36.07
N ILE A 467 7.72 9.68 35.29
CA ILE A 467 8.26 8.44 35.83
C ILE A 467 9.36 8.72 36.84
N THR A 468 10.31 9.57 36.48
CA THR A 468 11.51 9.80 37.30
C THR A 468 11.38 11.01 38.22
N LYS A 469 10.28 11.76 38.15
CA LYS A 469 10.04 12.91 39.02
C LYS A 469 11.10 14.00 38.88
N LYS A 470 11.83 14.01 37.77
CA LYS A 470 12.84 15.02 37.53
C LYS A 470 12.25 16.19 36.77
N ASN A 471 12.97 17.31 36.77
CA ASN A 471 12.55 18.46 35.99
C ASN A 471 12.75 18.19 34.50
N ILE A 472 12.09 19.00 33.68
CA ILE A 472 12.12 18.76 32.23
C ILE A 472 13.53 18.81 31.67
N PRO A 473 14.38 19.81 31.98
CA PRO A 473 15.71 19.84 31.36
C PRO A 473 16.60 18.68 31.76
N ASP A 474 16.32 18.03 32.89
CA ASP A 474 17.20 16.99 33.40
C ASP A 474 16.98 15.63 32.76
N ILE A 475 16.01 15.50 31.87
CA ILE A 475 15.70 14.20 31.28
C ILE A 475 16.83 13.81 30.33
N ASN A 476 17.34 12.58 30.49
CA ASN A 476 18.43 12.07 29.70
C ASN A 476 17.89 11.27 28.51
N LYS A 477 18.79 10.59 27.80
CA LYS A 477 18.36 9.74 26.69
C LYS A 477 17.81 8.40 27.17
N GLU A 478 18.37 7.85 28.25
CA GLU A 478 17.90 6.56 28.74
C GLU A 478 16.47 6.65 29.26
N ASP A 479 16.15 7.73 29.96
CA ASP A 479 14.77 7.93 30.39
C ASP A 479 13.85 8.07 29.19
N ARG A 480 14.32 8.75 28.14
CA ARG A 480 13.54 8.82 26.91
C ARG A 480 13.31 7.43 26.34
N HIS A 481 14.29 6.54 26.47
CA HIS A 481 14.12 5.19 25.96
C HIS A 481 13.06 4.43 26.75
N ILE A 482 13.10 4.56 28.08
CA ILE A 482 12.09 3.89 28.90
C ILE A 482 10.71 4.46 28.59
N ALA A 483 10.64 5.76 28.35
CA ALA A 483 9.38 6.38 27.97
C ALA A 483 8.91 5.84 26.62
N LYS A 484 9.83 5.71 25.66
CA LYS A 484 9.49 5.15 24.36
C LYS A 484 8.90 3.77 24.54
N ALA A 485 9.44 2.99 25.47
CA ALA A 485 8.86 1.68 25.74
C ALA A 485 7.46 1.82 26.32
N ILE A 486 7.32 2.60 27.38
CA ILE A 486 6.11 2.49 28.18
C ILE A 486 4.93 3.18 27.53
N ASN A 487 5.16 4.27 26.81
CA ASN A 487 4.04 4.95 26.17
C ASN A 487 3.36 4.01 25.17
N PHE A 488 4.15 3.40 24.30
CA PHE A 488 3.58 2.41 23.39
C PHE A 488 3.01 1.23 24.14
N GLY A 489 3.62 0.87 25.27
CA GLY A 489 3.13 -0.28 26.00
C GLY A 489 1.73 -0.10 26.55
N LEU A 490 1.48 1.05 27.19
CA LEU A 490 0.24 1.25 27.91
C LEU A 490 -0.79 2.05 27.13
N ILE A 491 -0.46 2.60 25.96
CA ILE A 491 -1.46 3.31 25.18
C ILE A 491 -2.28 2.38 24.29
N TYR A 492 -1.93 1.11 24.21
CA TYR A 492 -2.74 0.10 23.54
C TYR A 492 -3.21 -0.97 24.51
N GLY A 493 -3.48 -0.57 25.76
CA GLY A 493 -4.20 -1.44 26.69
C GLY A 493 -3.53 -2.74 27.01
N MET A 494 -2.22 -2.73 27.22
CA MET A 494 -1.53 -3.91 27.72
C MET A 494 -1.73 -4.00 29.22
N ASN A 495 -2.12 -5.17 29.70
CA ASN A 495 -2.07 -5.42 31.13
C ASN A 495 -0.63 -5.31 31.59
N TYR A 496 -0.44 -4.82 32.82
CA TYR A 496 0.90 -4.52 33.29
C TYR A 496 1.82 -5.73 33.31
N VAL A 497 1.25 -6.95 33.36
CA VAL A 497 2.09 -8.14 33.33
C VAL A 497 2.88 -8.20 32.03
N ASN A 498 2.22 -7.93 30.90
CA ASN A 498 2.90 -8.02 29.62
C ASN A 498 3.87 -6.88 29.40
N LEU A 499 3.83 -5.83 30.23
CA LEU A 499 4.77 -4.73 30.05
C LEU A 499 6.20 -5.21 30.22
N LYS A 500 6.43 -6.13 31.16
CA LYS A 500 7.77 -6.68 31.33
C LYS A 500 8.27 -7.33 30.05
N ASN A 501 7.45 -8.20 29.46
CA ASN A 501 7.86 -8.87 28.25
C ASN A 501 8.08 -7.88 27.13
N TYR A 502 7.20 -6.88 27.02
CA TYR A 502 7.33 -5.89 25.95
C TYR A 502 8.64 -5.14 26.07
N ALA A 503 8.93 -4.61 27.25
CA ALA A 503 10.14 -3.82 27.43
C ALA A 503 11.39 -4.66 27.21
N ASN A 504 11.41 -5.87 27.77
CA ASN A 504 12.60 -6.70 27.63
C ASN A 504 12.81 -7.13 26.19
N THR A 505 11.75 -7.67 25.57
CA THR A 505 11.91 -8.32 24.28
C THR A 505 12.33 -7.34 23.19
N TYR A 506 11.59 -6.24 23.05
CA TYR A 506 11.82 -5.32 21.95
C TYR A 506 12.71 -4.14 22.30
N TYR A 507 13.10 -3.99 23.57
CA TYR A 507 14.01 -2.92 23.96
C TYR A 507 15.10 -3.36 24.93
N GLY A 508 15.04 -4.56 25.50
CA GLY A 508 16.11 -5.07 26.30
C GLY A 508 16.16 -4.58 27.73
N LEU A 509 15.21 -3.75 28.15
CA LEU A 509 15.23 -3.20 29.49
C LEU A 509 14.57 -4.17 30.45
N ASN A 510 15.36 -4.76 31.35
CA ASN A 510 14.80 -5.61 32.38
C ASN A 510 13.93 -4.79 33.32
N MET A 511 12.89 -5.41 33.83
CA MET A 511 11.94 -4.71 34.69
C MET A 511 11.36 -5.68 35.71
N SER A 512 11.07 -5.16 36.90
CA SER A 512 10.45 -5.92 37.96
C SER A 512 8.95 -5.64 37.98
N LEU A 513 8.19 -6.63 38.44
CA LEU A 513 6.74 -6.51 38.45
C LEU A 513 6.28 -5.33 39.31
N ASP A 514 6.92 -5.12 40.45
CA ASP A 514 6.57 -3.96 41.27
C ASP A 514 6.86 -2.66 40.54
N GLN A 515 7.98 -2.61 39.82
CA GLN A 515 8.28 -1.43 39.02
C GLN A 515 7.22 -1.23 37.94
N CYS A 516 6.76 -2.32 37.33
CA CYS A 516 5.69 -2.21 36.36
C CYS A 516 4.42 -1.67 37.00
N LEU A 517 4.10 -2.12 38.21
CA LEU A 517 2.89 -1.63 38.88
C LEU A 517 2.98 -0.14 39.15
N TYR A 518 4.14 0.31 39.66
CA TYR A 518 4.32 1.73 39.91
C TYR A 518 4.24 2.53 38.63
N PHE A 519 4.85 2.02 37.55
CA PHE A 519 4.80 2.72 36.28
C PHE A 519 3.37 2.82 35.78
N TYR A 520 2.60 1.74 35.92
CA TYR A 520 1.22 1.74 35.45
C TYR A 520 0.39 2.77 36.20
N ASN A 521 0.49 2.74 37.52
CA ASN A 521 -0.29 3.69 38.33
C ASN A 521 0.11 5.12 37.99
N SER A 522 1.42 5.38 37.89
CA SER A 522 1.85 6.74 37.62
C SER A 522 1.44 7.20 36.24
N PHE A 523 1.35 6.27 35.28
CA PHE A 523 1.01 6.65 33.92
C PHE A 523 -0.47 6.97 33.79
N PHE A 524 -1.33 6.19 34.44
CA PHE A 524 -2.77 6.43 34.31
C PHE A 524 -3.34 7.27 35.43
N GLU A 525 -2.53 7.72 36.38
CA GLU A 525 -3.05 8.66 37.38
C GLU A 525 -3.17 10.06 36.81
N HIS A 526 -2.25 10.46 35.93
CA HIS A 526 -2.20 11.82 35.42
C HIS A 526 -2.89 11.96 34.07
N TYR A 527 -2.53 11.11 33.10
CA TYR A 527 -3.13 11.17 31.78
C TYR A 527 -4.55 10.63 31.89
N LYS A 528 -5.46 11.49 32.35
CA LYS A 528 -6.82 11.04 32.65
C LYS A 528 -7.57 10.63 31.39
N GLY A 529 -7.37 11.35 30.29
CA GLY A 529 -8.15 11.09 29.10
C GLY A 529 -8.03 9.67 28.60
N ILE A 530 -6.81 9.13 28.63
CA ILE A 530 -6.63 7.77 28.15
C ILE A 530 -7.27 6.77 29.10
N TYR A 531 -7.30 7.08 30.40
CA TYR A 531 -8.03 6.21 31.32
C TYR A 531 -9.52 6.19 30.99
N LYS A 532 -10.09 7.37 30.69
CA LYS A 532 -11.49 7.41 30.31
C LYS A 532 -11.73 6.63 29.02
N TRP A 533 -10.81 6.74 28.06
CA TRP A 533 -10.95 6.00 26.81
C TRP A 533 -10.92 4.50 27.05
N HIS A 534 -9.97 4.04 27.88
CA HIS A 534 -9.92 2.63 28.24
C HIS A 534 -11.22 2.19 28.88
N ASN A 535 -11.72 2.96 29.84
CA ASN A 535 -12.95 2.56 30.52
C ASN A 535 -14.11 2.48 29.55
N GLN A 536 -14.25 3.45 28.67
CA GLN A 536 -15.38 3.45 27.74
C GLN A 536 -15.29 2.26 26.79
N VAL A 537 -14.13 2.05 26.18
CA VAL A 537 -14.01 0.98 25.19
C VAL A 537 -14.18 -0.37 25.86
N LYS A 538 -13.71 -0.53 27.11
CA LYS A 538 -13.88 -1.80 27.79
C LYS A 538 -15.34 -2.00 28.21
N GLN A 539 -16.02 -0.94 28.60
CA GLN A 539 -17.39 -1.08 29.07
C GLN A 539 -18.34 -1.42 27.92
N LYS A 540 -18.24 -0.69 26.81
CA LYS A 540 -19.18 -0.94 25.72
C LYS A 540 -18.95 -2.29 25.07
N ARG A 541 -17.69 -2.72 24.96
CA ARG A 541 -17.34 -3.96 24.28
C ARG A 541 -17.89 -3.96 22.85
N ALA A 542 -17.81 -2.80 22.20
CA ALA A 542 -18.42 -2.62 20.89
C ALA A 542 -17.79 -3.54 19.86
N LEU A 543 -18.62 -4.02 18.94
CA LEU A 543 -18.17 -4.85 17.83
C LEU A 543 -17.78 -4.03 16.61
N GLN A 544 -18.01 -2.72 16.62
CA GLN A 544 -17.71 -1.84 15.49
C GLN A 544 -16.96 -0.62 16.01
N TYR A 545 -15.94 -0.20 15.25
CA TYR A 545 -15.10 0.92 15.63
C TYR A 545 -14.87 1.81 14.42
N SER A 546 -14.67 3.10 14.67
CA SER A 546 -14.52 4.09 13.62
C SER A 546 -13.33 4.99 13.92
N THR A 547 -12.60 5.34 12.87
CA THR A 547 -11.44 6.21 12.97
C THR A 547 -11.84 7.65 12.60
N LEU A 548 -10.85 8.54 12.60
CA LEU A 548 -11.14 9.95 12.35
C LEU A 548 -11.41 10.23 10.88
N SER A 549 -11.13 9.29 9.99
CA SER A 549 -11.60 9.36 8.61
C SER A 549 -12.85 8.51 8.40
N ASN A 550 -13.48 8.05 9.47
CA ASN A 550 -14.69 7.25 9.37
C ASN A 550 -14.43 5.93 8.67
N ARG A 551 -13.24 5.40 8.81
CA ARG A 551 -12.92 4.06 8.31
C ARG A 551 -13.42 3.04 9.32
N LYS A 552 -14.53 2.39 8.99
CA LYS A 552 -15.20 1.50 9.94
C LYS A 552 -14.72 0.07 9.79
N VAL A 553 -14.56 -0.61 10.92
CA VAL A 553 -14.22 -2.03 10.95
C VAL A 553 -15.14 -2.72 11.94
N ILE A 554 -15.60 -3.92 11.58
CA ILE A 554 -16.43 -4.74 12.45
C ILE A 554 -15.77 -6.10 12.58
N PHE A 555 -15.34 -6.41 13.79
CA PHE A 555 -14.64 -7.66 14.09
C PHE A 555 -15.64 -8.79 14.27
N PRO A 556 -15.17 -10.03 14.35
CA PRO A 556 -16.07 -11.10 14.80
C PRO A 556 -16.43 -10.98 16.27
N TYR A 557 -15.43 -10.86 17.13
CA TYR A 557 -15.62 -10.85 18.57
C TYR A 557 -14.77 -9.75 19.18
N PHE A 558 -15.08 -9.41 20.42
CA PHE A 558 -14.39 -8.31 21.08
C PHE A 558 -12.93 -8.64 21.31
N SER A 559 -12.09 -7.62 21.18
CA SER A 559 -10.67 -7.73 21.49
C SER A 559 -10.20 -6.34 21.92
N PHE A 560 -9.88 -6.21 23.21
CA PHE A 560 -9.53 -4.90 23.75
C PHE A 560 -8.31 -4.32 23.06
N THR A 561 -7.32 -5.18 22.76
CA THR A 561 -6.10 -4.70 22.12
C THR A 561 -6.40 -4.07 20.77
N LYS A 562 -7.10 -4.80 19.90
CA LYS A 562 -7.41 -4.24 18.60
C LYS A 562 -8.41 -3.09 18.71
N ALA A 563 -9.30 -3.15 19.70
CA ALA A 563 -10.26 -2.07 19.89
C ALA A 563 -9.52 -0.76 20.17
N LEU A 564 -8.49 -0.80 21.00
CA LEU A 564 -7.70 0.40 21.25
C LEU A 564 -6.78 0.75 20.09
N ASN A 565 -6.31 -0.26 19.35
CA ASN A 565 -5.29 -0.02 18.34
C ASN A 565 -5.86 0.51 17.04
N TYR A 566 -7.10 0.15 16.70
CA TYR A 566 -7.62 0.51 15.38
C TYR A 566 -7.73 2.01 15.15
N PRO A 567 -8.28 2.82 16.07
CA PRO A 567 -8.49 4.23 15.73
C PRO A 567 -7.20 4.98 15.40
N VAL A 568 -6.19 4.87 16.26
CA VAL A 568 -4.96 5.62 16.05
C VAL A 568 -4.24 5.16 14.79
N GLN A 569 -4.15 3.84 14.57
CA GLN A 569 -3.45 3.35 13.40
C GLN A 569 -4.18 3.72 12.12
N GLY A 570 -5.50 3.58 12.10
CA GLY A 570 -6.27 3.97 10.93
C GLY A 570 -6.11 5.45 10.62
N THR A 571 -6.14 6.29 11.65
CA THR A 571 -5.95 7.71 11.42
C THR A 571 -4.55 8.03 10.92
N CYS A 572 -3.53 7.33 11.42
CA CYS A 572 -2.19 7.55 10.91
C CYS A 572 -2.09 7.16 9.44
N ALA A 573 -2.70 6.04 9.07
CA ALA A 573 -2.74 5.65 7.66
C ALA A 573 -3.45 6.69 6.83
N ASP A 574 -4.54 7.23 7.36
CA ASP A 574 -5.27 8.27 6.64
C ASP A 574 -4.41 9.52 6.46
N ILE A 575 -3.66 9.90 7.49
CA ILE A 575 -2.80 11.07 7.37
C ILE A 575 -1.74 10.85 6.31
N LEU A 576 -1.13 9.67 6.29
CA LEU A 576 -0.12 9.39 5.27
C LEU A 576 -0.72 9.42 3.87
N LYS A 577 -1.90 8.83 3.70
CA LYS A 577 -2.52 8.83 2.38
C LYS A 577 -2.88 10.24 1.94
N LEU A 578 -3.37 11.05 2.86
CA LEU A 578 -3.67 12.44 2.53
C LEU A 578 -2.40 13.19 2.17
N ALA A 579 -1.33 12.92 2.88
CA ALA A 579 -0.04 13.55 2.56
C ALA A 579 0.39 13.19 1.15
N LEU A 580 0.28 11.90 0.79
CA LEU A 580 0.67 11.51 -0.56
C LEU A 580 -0.23 12.15 -1.61
N VAL A 581 -1.54 12.22 -1.34
CA VAL A 581 -2.44 12.80 -2.32
C VAL A 581 -2.10 14.27 -2.55
N ASP A 582 -1.85 15.01 -1.47
CA ASP A 582 -1.48 16.42 -1.62
C ASP A 582 -0.12 16.56 -2.29
N LEU A 583 0.82 15.70 -1.93
CA LEU A 583 2.18 15.79 -2.47
C LEU A 583 2.20 15.52 -3.96
N TYR A 584 1.43 14.54 -4.43
CA TYR A 584 1.46 14.21 -5.85
C TYR A 584 0.97 15.38 -6.69
N ASP A 585 0.13 16.24 -6.12
CA ASP A 585 -0.31 17.43 -6.85
C ASP A 585 0.66 18.58 -6.67
N ASN A 586 1.30 18.71 -5.50
CA ASN A 586 2.18 19.83 -5.25
C ASN A 586 3.61 19.64 -5.76
N LEU A 587 3.99 18.43 -6.16
CA LEU A 587 5.33 18.17 -6.67
C LEU A 587 5.42 18.13 -8.18
N LYS A 588 4.34 18.43 -8.90
CA LYS A 588 4.39 18.29 -10.34
C LYS A 588 5.21 19.37 -11.01
N ASP A 589 5.47 20.49 -10.35
CA ASP A 589 6.26 21.55 -10.97
C ASP A 589 7.71 21.12 -11.13
N ILE A 590 8.31 20.58 -10.06
CA ILE A 590 9.73 20.27 -10.07
C ILE A 590 9.97 18.82 -10.44
N ASN A 591 8.95 18.16 -10.99
CA ASN A 591 9.10 16.83 -11.59
C ASN A 591 9.71 15.84 -10.62
N GLY A 592 9.31 15.93 -9.36
CA GLY A 592 9.79 15.01 -8.36
C GLY A 592 9.01 13.71 -8.35
N LYS A 593 9.72 12.61 -8.12
CA LYS A 593 9.13 11.29 -8.05
C LYS A 593 8.86 10.95 -6.59
N ILE A 594 7.67 10.46 -6.31
CA ILE A 594 7.38 9.87 -5.01
C ILE A 594 7.87 8.42 -5.08
N ILE A 595 8.87 8.09 -4.27
CA ILE A 595 9.60 6.83 -4.42
C ILE A 595 9.00 5.75 -3.55
N LEU A 596 9.00 5.97 -2.23
CA LEU A 596 8.51 4.96 -1.30
C LEU A 596 7.80 5.63 -0.14
N CYS A 597 6.94 4.84 0.52
CA CYS A 597 6.25 5.28 1.73
C CYS A 597 6.06 4.04 2.60
N VAL A 598 6.97 3.85 3.56
CA VAL A 598 6.91 2.73 4.50
C VAL A 598 6.97 3.30 5.90
N HIS A 599 6.10 2.80 6.78
CA HIS A 599 5.98 3.32 8.14
C HIS A 599 5.60 4.81 8.01
N ASP A 600 5.83 5.61 9.05
CA ASP A 600 5.53 7.04 9.00
C ASP A 600 6.64 7.82 8.31
N GLU A 601 6.92 7.45 7.06
CA GLU A 601 8.03 8.03 6.32
C GLU A 601 7.66 8.14 4.85
N ILE A 602 8.02 9.26 4.23
CA ILE A 602 7.76 9.51 2.83
C ILE A 602 9.06 9.96 2.18
N ILE A 603 9.32 9.41 0.99
CA ILE A 603 10.56 9.64 0.26
C ILE A 603 10.23 10.21 -1.10
N ILE A 604 10.87 11.32 -1.46
CA ILE A 604 10.70 11.94 -2.77
C ILE A 604 12.07 12.20 -3.37
N GLU A 605 12.22 11.90 -4.66
CA GLU A 605 13.44 12.15 -5.39
C GLU A 605 13.23 13.36 -6.29
N VAL A 606 14.14 14.32 -6.21
CA VAL A 606 14.01 15.60 -6.88
C VAL A 606 15.34 15.99 -7.49
N ASN A 607 15.28 16.72 -8.60
CA ASN A 607 16.48 17.12 -9.29
C ASN A 607 17.31 18.06 -8.44
N LYS A 608 18.64 18.03 -8.64
CA LYS A 608 19.55 18.65 -7.69
C LYS A 608 19.41 20.17 -7.63
N LYS A 609 18.83 20.80 -8.65
CA LYS A 609 18.60 22.24 -8.56
C LYS A 609 17.46 22.56 -7.62
N PHE A 610 16.39 21.77 -7.65
CA PHE A 610 15.14 22.10 -6.96
C PHE A 610 15.07 21.51 -5.56
N GLN A 611 16.22 21.34 -4.91
CA GLN A 611 16.26 20.72 -3.59
C GLN A 611 15.47 21.54 -2.57
N GLU A 612 15.69 22.86 -2.53
CA GLU A 612 15.02 23.69 -1.53
C GLU A 612 13.51 23.72 -1.76
N GLU A 613 13.09 23.90 -3.02
CA GLU A 613 11.67 23.90 -3.32
C GLU A 613 11.04 22.57 -2.95
N ALA A 614 11.74 21.47 -3.22
CA ALA A 614 11.21 20.16 -2.87
C ALA A 614 11.04 20.03 -1.36
N LEU A 615 12.02 20.50 -0.60
CA LEU A 615 11.91 20.40 0.86
C LEU A 615 10.70 21.19 1.36
N LYS A 616 10.52 22.40 0.84
CA LYS A 616 9.36 23.20 1.26
C LYS A 616 8.06 22.51 0.88
N ILE A 617 7.99 21.94 -0.32
CA ILE A 617 6.76 21.29 -0.76
C ILE A 617 6.44 20.11 0.15
N LEU A 618 7.44 19.30 0.45
CA LEU A 618 7.21 18.12 1.27
C LEU A 618 6.73 18.51 2.66
N VAL A 619 7.39 19.48 3.28
CA VAL A 619 7.00 19.89 4.62
C VAL A 619 5.58 20.45 4.61
N GLN A 620 5.26 21.30 3.63
CA GLN A 620 3.92 21.88 3.60
C GLN A 620 2.85 20.82 3.41
N SER A 621 3.09 19.86 2.51
CA SER A 621 2.09 18.82 2.27
C SER A 621 1.87 17.99 3.52
N MET A 622 2.95 17.59 4.19
CA MET A 622 2.79 16.76 5.38
C MET A 622 2.06 17.52 6.49
N GLU A 623 2.42 18.79 6.69
CA GLU A 623 1.79 19.56 7.76
C GLU A 623 0.31 19.81 7.47
N ASN A 624 -0.03 20.11 6.21
CA ASN A 624 -1.43 20.31 5.88
C ASN A 624 -2.22 19.02 6.07
N SER A 625 -1.64 17.88 5.68
CA SER A 625 -2.32 16.61 5.90
C SER A 625 -2.53 16.36 7.38
N ALA A 626 -1.54 16.66 8.21
CA ALA A 626 -1.70 16.48 9.64
C ALA A 626 -2.79 17.38 10.19
N SER A 627 -2.86 18.63 9.72
CA SER A 627 -3.82 19.58 10.26
C SER A 627 -5.24 19.31 9.79
N TYR A 628 -5.42 18.58 8.69
CA TYR A 628 -6.77 18.32 8.21
C TYR A 628 -7.59 17.54 9.23
N PHE A 629 -7.06 16.43 9.74
CA PHE A 629 -7.79 15.61 10.71
C PHE A 629 -7.56 16.08 12.14
N LEU A 630 -6.30 16.13 12.55
CA LEU A 630 -5.96 16.57 13.89
C LEU A 630 -6.05 18.09 13.95
N LYS A 631 -6.69 18.61 14.98
CA LYS A 631 -6.87 20.04 15.16
C LYS A 631 -6.22 20.58 16.41
N LYS A 632 -6.38 19.91 17.55
CA LYS A 632 -5.85 20.43 18.80
C LYS A 632 -4.33 20.49 18.76
N VAL A 633 -3.68 19.45 18.26
CA VAL A 633 -2.24 19.34 18.27
C VAL A 633 -1.68 19.81 16.94
N LYS A 634 -0.37 19.99 16.89
CA LYS A 634 0.34 20.40 15.68
C LYS A 634 1.50 19.44 15.47
N CYS A 635 1.38 18.60 14.45
CA CYS A 635 2.43 17.67 14.11
C CYS A 635 3.63 18.41 13.53
N GLU A 636 4.80 17.82 13.66
CA GLU A 636 6.03 18.34 13.08
C GLU A 636 6.70 17.24 12.27
N VAL A 637 7.46 17.64 11.25
CA VAL A 637 8.14 16.71 10.36
C VAL A 637 9.62 17.06 10.34
N SER A 638 10.47 16.04 10.47
CA SER A 638 11.90 16.19 10.36
C SER A 638 12.34 15.78 8.97
N VAL A 639 12.97 16.70 8.25
CA VAL A 639 13.34 16.52 6.85
C VAL A 639 14.84 16.65 6.71
N LYS A 640 15.47 15.66 6.06
CA LYS A 640 16.90 15.67 5.80
C LYS A 640 17.16 15.30 4.36
N ILE A 641 18.07 16.03 3.71
CA ILE A 641 18.45 15.79 2.33
C ILE A 641 19.52 14.71 2.31
N ALA A 642 19.22 13.58 1.69
CA ALA A 642 19.98 12.36 1.87
C ALA A 642 20.70 11.99 0.57
N GLU A 643 22.00 11.76 0.65
CA GLU A 643 22.73 11.20 -0.47
C GLU A 643 22.29 9.75 -0.72
N ASN A 644 22.13 8.99 0.34
CA ASN A 644 21.61 7.63 0.28
C ASN A 644 20.54 7.48 1.34
N TRP A 645 19.64 6.52 1.13
CA TRP A 645 18.49 6.37 2.01
C TRP A 645 18.91 6.20 3.46
N GLY A 646 20.07 5.63 3.70
CA GLY A 646 20.62 5.53 5.04
C GLY A 646 21.53 6.70 5.38
N SER A 647 21.16 7.90 4.99
CA SER A 647 21.95 9.07 5.32
C SER A 647 21.74 9.47 6.78
N LYS A 648 22.51 10.45 7.23
CA LYS A 648 22.46 10.90 8.62
C LYS A 648 21.06 11.41 8.99
#